data_5YO2
#
_entry.id   5YO2
#
_cell.length_a   79.773
_cell.length_b   79.773
_cell.length_c   115.388
_cell.angle_alpha   90.000
_cell.angle_beta   90.000
_cell.angle_gamma   90.000
#
_symmetry.space_group_name_H-M   'P 41 21 2'
#
loop_
_entity.id
_entity.type
_entity.pdbx_description
1 polymer 'Amino-acid acetyltransferase'
2 non-polymer ARGININE
3 non-polymer 'ACETYL COENZYME *A'
#
_entity_poly.entity_id   1
_entity_poly.type   'polypeptide(L)'
_entity_poly.pdbx_seq_one_letter_code
;MTERPRDCRPVVRRARTSDVPAIKQLVDTYAGKILLEKNLVTLYEAVQEFWVAEHPDLYGKVVGCGALHVLWSDLGEIRT
VAVDPAMTGHGIGHAIVDRLLQVARDLQLQRVFVLTFETEFFARHGFTEIEGTPVTAEVFDEMCRSYDIGVAEFLDLSYV
KPNILGNSRMLLVLLEHHHHHH
;
_entity_poly.pdbx_strand_id   A,B
#
loop_
_chem_comp.id
_chem_comp.type
_chem_comp.name
_chem_comp.formula
ACO non-polymer 'ACETYL COENZYME *A' 'C23 H38 N7 O17 P3 S'
#
# COMPACT_ATOMS: atom_id res chain seq x y z
N ASP A 7 11.58 13.79 -29.30
CA ASP A 7 11.62 13.29 -27.93
C ASP A 7 10.55 12.21 -27.75
N CYS A 8 10.78 11.29 -26.80
CA CYS A 8 9.96 10.09 -26.66
C CYS A 8 9.19 10.11 -25.35
N ARG A 9 7.93 9.72 -25.41
CA ARG A 9 7.14 9.47 -24.20
C ARG A 9 7.53 8.11 -23.63
N PRO A 10 7.94 8.03 -22.37
CA PRO A 10 8.44 6.78 -21.82
C PRO A 10 7.31 5.89 -21.31
N VAL A 11 7.63 4.60 -21.20
CA VAL A 11 6.68 3.65 -20.65
C VAL A 11 6.60 3.88 -19.15
N VAL A 12 5.37 4.01 -18.64
CA VAL A 12 5.12 4.18 -17.22
C VAL A 12 4.31 2.96 -16.79
N ARG A 13 4.96 2.07 -16.04
CA ARG A 13 4.41 0.79 -15.62
C ARG A 13 4.43 0.66 -14.12
N ARG A 14 3.69 -0.33 -13.63
CA ARG A 14 3.69 -0.61 -12.20
C ARG A 14 5.07 -1.07 -11.75
N ALA A 15 5.40 -0.74 -10.50
CA ALA A 15 6.70 -1.08 -9.97
C ALA A 15 6.79 -2.56 -9.67
N ARG A 16 8.01 -3.08 -9.69
CA ARG A 16 8.30 -4.45 -9.32
C ARG A 16 9.34 -4.44 -8.21
N THR A 17 9.29 -5.45 -7.34
CA THR A 17 10.19 -5.48 -6.20
C THR A 17 11.63 -5.25 -6.61
N SER A 18 12.01 -5.72 -7.80
CA SER A 18 13.36 -5.44 -8.30
C SER A 18 13.60 -3.96 -8.52
N ASP A 19 12.53 -3.18 -8.74
CA ASP A 19 12.67 -1.75 -8.96
C ASP A 19 12.89 -0.95 -7.68
N VAL A 20 12.64 -1.54 -6.51
CA VAL A 20 12.67 -0.78 -5.27
C VAL A 20 14.04 -0.16 -5.03
N PRO A 21 15.15 -0.88 -5.17
CA PRO A 21 16.46 -0.24 -4.98
C PRO A 21 16.65 1.00 -5.84
N ALA A 22 16.19 0.96 -7.10
CA ALA A 22 16.27 2.14 -7.95
C ALA A 22 15.38 3.26 -7.43
N ILE A 23 14.15 2.93 -7.05
CA ILE A 23 13.24 3.91 -6.46
C ILE A 23 13.89 4.54 -5.24
N LYS A 24 14.60 3.74 -4.45
CA LYS A 24 15.22 4.24 -3.23
C LYS A 24 16.27 5.30 -3.52
N GLN A 25 16.99 5.20 -4.63
CA GLN A 25 17.97 6.23 -4.97
C GLN A 25 17.29 7.51 -5.48
N LEU A 26 16.14 7.37 -6.14
CA LEU A 26 15.41 8.56 -6.59
C LEU A 26 14.86 9.35 -5.42
N VAL A 27 14.22 8.66 -4.47
CA VAL A 27 13.70 9.33 -3.27
C VAL A 27 14.84 9.95 -2.48
N ASP A 28 15.91 9.17 -2.25
CA ASP A 28 17.07 9.69 -1.53
C ASP A 28 17.63 10.93 -2.22
N THR A 29 17.60 10.95 -3.56
CA THR A 29 18.13 12.09 -4.29
C THR A 29 17.48 13.40 -3.85
N TYR A 30 16.16 13.38 -3.66
CA TYR A 30 15.44 14.58 -3.27
C TYR A 30 15.18 14.64 -1.77
N ALA A 31 15.76 13.71 -1.01
CA ALA A 31 16.12 13.90 0.40
C ALA A 31 14.87 14.30 1.19
N GLY A 32 14.94 15.32 2.04
CA GLY A 32 13.85 15.72 2.91
C GLY A 32 13.47 17.16 2.68
N LYS A 33 14.30 17.91 1.95
CA LYS A 33 13.94 19.27 1.58
C LYS A 33 12.73 19.27 0.65
N ILE A 34 12.73 18.39 -0.35
CA ILE A 34 11.64 18.33 -1.32
C ILE A 34 10.69 17.18 -0.99
N LEU A 35 11.19 15.95 -1.09
CA LEU A 35 10.38 14.77 -0.88
C LEU A 35 10.45 14.26 0.56
N LEU A 36 9.37 13.64 1.00
CA LEU A 36 9.36 12.94 2.28
C LEU A 36 10.15 11.66 2.15
N GLU A 37 11.18 11.49 2.98
CA GLU A 37 12.06 10.34 2.84
C GLU A 37 11.30 9.04 3.11
N LYS A 38 11.70 7.99 2.40
CA LYS A 38 11.06 6.68 2.49
C LYS A 38 12.14 5.61 2.52
N ASN A 39 12.21 4.87 3.63
CA ASN A 39 13.23 3.84 3.78
C ASN A 39 12.86 2.59 2.97
N LEU A 40 13.78 1.63 2.96
CA LEU A 40 13.68 0.52 2.01
C LEU A 40 12.44 -0.33 2.25
N VAL A 41 12.13 -0.62 3.51
CA VAL A 41 11.00 -1.51 3.79
C VAL A 41 9.69 -0.86 3.35
N THR A 42 9.48 0.40 3.71
CA THR A 42 8.22 1.06 3.37
C THR A 42 8.07 1.25 1.86
N LEU A 43 9.15 1.10 1.10
CA LEU A 43 9.05 1.07 -0.36
C LEU A 43 8.63 -0.30 -0.85
N TYR A 44 9.13 -1.36 -0.22
CA TYR A 44 8.69 -2.71 -0.56
C TYR A 44 7.23 -2.93 -0.17
N GLU A 45 6.78 -2.29 0.91
CA GLU A 45 5.38 -2.41 1.31
C GLU A 45 4.46 -1.63 0.39
N ALA A 46 4.93 -0.49 -0.12
CA ALA A 46 4.14 0.38 -0.98
C ALA A 46 4.32 0.04 -2.46
N VAL A 47 5.02 -1.05 -2.78
CA VAL A 47 5.32 -1.35 -4.17
C VAL A 47 4.05 -1.53 -5.00
N GLN A 48 2.94 -1.90 -4.36
CA GLN A 48 1.71 -2.17 -5.10
C GLN A 48 0.93 -0.92 -5.45
N GLU A 49 1.36 0.25 -4.97
CA GLU A 49 0.78 1.52 -5.38
C GLU A 49 1.79 2.41 -6.09
N PHE A 50 3.01 1.92 -6.32
CA PHE A 50 4.06 2.73 -6.94
C PHE A 50 4.07 2.49 -8.45
N TRP A 51 4.59 3.50 -9.16
CA TRP A 51 4.73 3.44 -10.61
C TRP A 51 6.10 4.00 -10.98
N VAL A 52 6.63 3.53 -12.09
CA VAL A 52 7.96 3.92 -12.54
C VAL A 52 7.93 4.17 -14.04
N ALA A 53 8.78 5.09 -14.47
CA ALA A 53 8.98 5.36 -15.88
C ALA A 53 10.27 4.67 -16.30
N GLU A 54 10.20 3.86 -17.36
CA GLU A 54 11.39 3.17 -17.80
C GLU A 54 12.32 4.12 -18.53
N HIS A 55 13.61 3.86 -18.41
CA HIS A 55 14.60 4.68 -19.09
C HIS A 55 14.50 4.47 -20.60
N PRO A 56 14.44 5.54 -21.40
CA PRO A 56 14.28 5.32 -22.85
C PRO A 56 15.34 4.43 -23.48
N ASP A 57 16.48 4.24 -22.82
CA ASP A 57 17.60 3.51 -23.42
C ASP A 57 17.97 2.25 -22.66
N LEU A 58 18.15 2.31 -21.35
CA LEU A 58 18.41 1.12 -20.55
C LEU A 58 17.12 0.36 -20.27
N TYR A 59 17.15 -0.96 -20.49
CA TYR A 59 15.95 -1.77 -20.33
C TYR A 59 15.47 -1.76 -18.88
N GLY A 60 16.32 -2.20 -17.96
CA GLY A 60 15.90 -2.42 -16.59
C GLY A 60 15.75 -1.15 -15.79
N LYS A 61 16.79 -0.32 -15.79
CA LYS A 61 16.85 0.84 -14.91
C LYS A 61 15.67 1.77 -15.15
N VAL A 62 15.18 2.37 -14.07
CA VAL A 62 14.12 3.36 -14.13
C VAL A 62 14.72 4.73 -13.90
N VAL A 63 14.11 5.74 -14.53
CA VAL A 63 14.56 7.12 -14.42
C VAL A 63 13.56 7.99 -13.69
N GLY A 64 12.37 7.49 -13.41
CA GLY A 64 11.37 8.25 -12.66
C GLY A 64 10.46 7.33 -11.90
N CYS A 65 9.90 7.84 -10.80
CA CYS A 65 8.95 7.10 -10.00
C CYS A 65 7.83 8.02 -9.56
N GLY A 66 6.79 7.41 -9.02
CA GLY A 66 5.63 8.14 -8.56
C GLY A 66 4.63 7.16 -7.99
N ALA A 67 3.77 7.68 -7.12
CA ALA A 67 2.83 6.83 -6.40
C ALA A 67 1.55 7.58 -6.11
N LEU A 68 0.43 6.89 -6.27
CA LEU A 68 -0.86 7.41 -5.86
C LEU A 68 -1.27 6.73 -4.55
N HIS A 69 -1.56 7.53 -3.54
CA HIS A 69 -1.94 7.04 -2.22
C HIS A 69 -3.38 7.46 -1.96
N VAL A 70 -4.26 6.48 -1.72
CA VAL A 70 -5.64 6.78 -1.37
C VAL A 70 -5.69 7.28 0.07
N LEU A 71 -6.52 8.29 0.31
CA LEU A 71 -6.69 8.86 1.63
C LEU A 71 -8.09 8.68 2.20
N TRP A 72 -9.09 8.43 1.36
CA TRP A 72 -10.46 8.26 1.82
C TRP A 72 -11.28 7.77 0.64
N SER A 73 -12.56 7.53 0.89
CA SER A 73 -13.50 7.10 -0.14
C SER A 73 -13.22 7.76 -1.48
N ASP A 74 -13.19 9.09 -1.50
CA ASP A 74 -13.11 9.86 -2.73
C ASP A 74 -11.77 10.56 -2.92
N LEU A 75 -10.90 10.56 -1.91
CA LEU A 75 -9.72 11.42 -1.92
C LEU A 75 -8.46 10.60 -2.13
N GLY A 76 -7.61 11.07 -3.04
CA GLY A 76 -6.30 10.50 -3.23
C GLY A 76 -5.23 11.57 -3.18
N GLU A 77 -3.98 11.11 -3.14
CA GLU A 77 -2.82 11.98 -3.13
C GLU A 77 -1.80 11.41 -4.11
N ILE A 78 -1.02 12.31 -4.71
CA ILE A 78 0.14 11.92 -5.49
C ILE A 78 1.37 12.21 -4.65
N ARG A 79 2.22 11.20 -4.47
CA ARG A 79 3.33 11.32 -3.55
C ARG A 79 4.57 10.66 -4.13
N THR A 80 5.73 11.05 -3.57
CA THR A 80 7.04 10.52 -3.94
C THR A 80 7.19 10.36 -5.45
N VAL A 81 7.02 11.46 -6.16
CA VAL A 81 7.29 11.53 -7.60
C VAL A 81 8.68 12.10 -7.78
N ALA A 82 9.57 11.32 -8.38
CA ALA A 82 10.95 11.73 -8.57
C ALA A 82 11.44 11.24 -9.92
N VAL A 83 12.21 12.09 -10.61
CA VAL A 83 12.87 11.72 -11.86
C VAL A 83 14.36 12.03 -11.73
N ASP A 84 15.16 11.24 -12.43
CA ASP A 84 16.61 11.45 -12.44
C ASP A 84 16.93 12.89 -12.84
N PRO A 85 17.77 13.60 -12.09
CA PRO A 85 18.13 14.97 -12.49
C PRO A 85 18.66 15.08 -13.91
N ALA A 86 19.33 14.05 -14.42
CA ALA A 86 19.88 14.10 -15.77
C ALA A 86 18.84 13.83 -16.85
N MET A 87 17.62 13.48 -16.44
CA MET A 87 16.54 13.20 -17.38
C MET A 87 15.39 14.18 -17.22
N THR A 88 15.57 15.22 -16.40
CA THR A 88 14.50 16.19 -16.17
C THR A 88 14.29 17.08 -17.39
N GLY A 89 13.07 17.58 -17.52
CA GLY A 89 12.71 18.41 -18.66
C GLY A 89 12.48 17.66 -19.95
N HIS A 90 12.38 16.33 -19.89
CA HIS A 90 12.16 15.52 -21.08
C HIS A 90 10.77 14.86 -21.08
N GLY A 91 9.84 15.38 -20.29
CA GLY A 91 8.46 14.94 -20.26
C GLY A 91 8.16 13.73 -19.41
N ILE A 92 9.14 13.17 -18.71
CA ILE A 92 8.92 11.96 -17.91
C ILE A 92 7.91 12.24 -16.79
N GLY A 93 8.22 13.22 -15.93
CA GLY A 93 7.36 13.49 -14.78
C GLY A 93 5.90 13.67 -15.16
N HIS A 94 5.63 14.33 -16.29
CA HIS A 94 4.23 14.47 -16.71
C HIS A 94 3.66 13.15 -17.18
N ALA A 95 4.48 12.31 -17.83
CA ALA A 95 4.01 10.98 -18.20
C ALA A 95 3.66 10.15 -16.98
N ILE A 96 4.38 10.35 -15.88
CA ILE A 96 4.07 9.65 -14.63
C ILE A 96 2.77 10.18 -14.05
N VAL A 97 2.63 11.51 -13.95
CA VAL A 97 1.44 12.11 -13.37
C VAL A 97 0.21 11.76 -14.20
N ASP A 98 0.34 11.79 -15.52
CA ASP A 98 -0.77 11.39 -16.38
C ASP A 98 -1.23 9.98 -16.04
N ARG A 99 -0.28 9.10 -15.73
CA ARG A 99 -0.64 7.73 -15.38
C ARG A 99 -1.24 7.65 -13.98
N LEU A 100 -0.60 8.29 -13.01
CA LEU A 100 -1.13 8.30 -11.65
C LEU A 100 -2.57 8.78 -11.62
N LEU A 101 -2.88 9.82 -12.39
CA LEU A 101 -4.25 10.33 -12.43
C LEU A 101 -5.20 9.34 -13.08
N GLN A 102 -4.72 8.54 -14.04
CA GLN A 102 -5.58 7.54 -14.65
C GLN A 102 -5.97 6.47 -13.65
N VAL A 103 -5.05 6.08 -12.76
CA VAL A 103 -5.39 5.07 -11.78
C VAL A 103 -6.32 5.65 -10.72
N ALA A 104 -6.20 6.96 -10.44
CA ALA A 104 -7.15 7.61 -9.56
C ALA A 104 -8.57 7.48 -10.10
N ARG A 105 -8.74 7.62 -11.41
CA ARG A 105 -10.05 7.44 -12.03
C ARG A 105 -10.52 6.00 -11.91
N ASP A 106 -9.66 5.04 -12.27
CA ASP A 106 -10.02 3.63 -12.15
C ASP A 106 -10.46 3.30 -10.73
N LEU A 107 -9.93 4.00 -9.74
CA LEU A 107 -10.35 3.82 -8.36
C LEU A 107 -11.61 4.62 -8.03
N GLN A 108 -12.18 5.29 -9.03
CA GLN A 108 -13.41 6.06 -8.85
C GLN A 108 -13.23 7.16 -7.80
N LEU A 109 -12.05 7.77 -7.78
CA LEU A 109 -11.81 8.92 -6.91
C LEU A 109 -12.31 10.19 -7.59
N GLN A 110 -12.59 11.20 -6.76
CA GLN A 110 -13.12 12.46 -7.25
C GLN A 110 -12.15 13.63 -7.09
N ARG A 111 -11.32 13.62 -6.05
CA ARG A 111 -10.37 14.68 -5.80
C ARG A 111 -8.99 14.09 -5.57
N VAL A 112 -7.96 14.79 -6.03
CA VAL A 112 -6.57 14.37 -5.89
C VAL A 112 -5.78 15.51 -5.26
N PHE A 113 -5.09 15.21 -4.17
CA PHE A 113 -4.35 16.20 -3.42
C PHE A 113 -2.86 16.12 -3.76
N VAL A 114 -2.18 17.27 -3.62
CA VAL A 114 -0.74 17.34 -3.82
C VAL A 114 -0.17 18.37 -2.87
N LEU A 115 0.97 18.05 -2.26
CA LEU A 115 1.73 18.97 -1.43
C LEU A 115 3.12 19.10 -2.04
N THR A 116 3.42 20.25 -2.63
CA THR A 116 4.62 20.38 -3.45
C THR A 116 5.02 21.85 -3.57
N PHE A 117 6.25 22.06 -4.03
CA PHE A 117 6.70 23.36 -4.52
C PHE A 117 6.48 23.53 -6.01
N GLU A 118 6.22 22.44 -6.73
CA GLU A 118 6.12 22.46 -8.19
C GLU A 118 4.70 22.86 -8.60
N THR A 119 4.36 24.12 -8.31
CA THR A 119 3.01 24.62 -8.57
C THR A 119 2.70 24.59 -10.06
N GLU A 120 3.59 25.12 -10.89
CA GLU A 120 3.33 25.14 -12.33
C GLU A 120 3.29 23.73 -12.91
N PHE A 121 4.16 22.84 -12.42
CA PHE A 121 4.22 21.49 -12.95
C PHE A 121 2.86 20.81 -12.88
N PHE A 122 2.27 20.75 -11.70
CA PHE A 122 0.96 20.13 -11.55
C PHE A 122 -0.15 21.00 -12.13
N ALA A 123 0.08 22.31 -12.26
CA ALA A 123 -0.92 23.18 -12.87
C ALA A 123 -1.26 22.72 -14.28
N ARG A 124 -0.27 22.19 -15.01
CA ARG A 124 -0.51 21.73 -16.37
C ARG A 124 -1.48 20.56 -16.44
N HIS A 125 -1.89 20.02 -15.28
CA HIS A 125 -2.88 18.97 -15.22
C HIS A 125 -4.22 19.45 -14.67
N GLY A 126 -4.36 20.75 -14.41
CA GLY A 126 -5.59 21.29 -13.85
C GLY A 126 -5.58 21.53 -12.36
N PHE A 127 -4.46 21.27 -11.68
CA PHE A 127 -4.41 21.48 -10.24
C PHE A 127 -4.49 22.97 -9.92
N THR A 128 -5.31 23.31 -8.93
CA THR A 128 -5.42 24.66 -8.40
C THR A 128 -4.99 24.67 -6.94
N GLU A 129 -4.34 25.75 -6.53
CA GLU A 129 -3.87 25.90 -5.16
C GLU A 129 -5.05 26.07 -4.20
N ILE A 130 -4.84 25.60 -2.96
CA ILE A 130 -5.87 25.64 -1.93
C ILE A 130 -5.21 26.02 -0.60
N GLU A 131 -6.04 26.19 0.41
CA GLU A 131 -5.61 26.41 1.79
C GLU A 131 -6.32 25.41 2.68
N GLY A 132 -5.62 24.92 3.70
CA GLY A 132 -6.26 24.07 4.68
C GLY A 132 -6.37 22.62 4.27
N THR A 133 -7.13 21.88 5.06
CA THR A 133 -7.36 20.45 4.84
C THR A 133 -8.78 20.24 4.37
N PRO A 134 -9.01 19.84 3.11
CA PRO A 134 -10.40 19.74 2.60
C PRO A 134 -11.06 18.40 2.94
N VAL A 135 -11.41 18.23 4.22
CA VAL A 135 -12.16 17.06 4.67
C VAL A 135 -13.05 17.48 5.82
N THR A 136 -14.13 16.74 6.02
CA THR A 136 -15.01 16.99 7.14
C THR A 136 -14.29 16.72 8.46
N ALA A 137 -14.62 17.51 9.48
CA ALA A 137 -14.00 17.33 10.79
C ALA A 137 -14.19 15.89 11.28
N GLU A 138 -15.34 15.27 10.95
CA GLU A 138 -15.55 13.88 11.31
C GLU A 138 -14.54 12.97 10.62
N VAL A 139 -14.26 13.22 9.33
CA VAL A 139 -13.24 12.46 8.64
C VAL A 139 -11.86 12.81 9.19
N PHE A 140 -11.60 14.10 9.41
CA PHE A 140 -10.32 14.53 9.96
C PHE A 140 -9.97 13.73 11.21
N ASP A 141 -10.98 13.46 12.06
CA ASP A 141 -10.74 12.71 13.28
C ASP A 141 -10.40 11.25 12.97
N GLU A 142 -11.06 10.68 11.97
CA GLU A 142 -10.74 9.31 11.55
C GLU A 142 -9.36 9.22 10.92
N MET A 143 -8.94 10.29 10.23
CA MET A 143 -7.65 10.28 9.54
C MET A 143 -6.48 10.54 10.47
N CYS A 144 -6.72 11.22 11.59
CA CYS A 144 -5.67 11.43 12.58
C CYS A 144 -5.05 10.13 13.06
N ARG A 145 -5.76 9.01 12.96
CA ARG A 145 -5.28 7.74 13.49
C ARG A 145 -4.27 7.04 12.58
N SER A 146 -3.81 7.68 11.52
CA SER A 146 -2.91 7.02 10.58
C SER A 146 -1.48 7.04 11.10
N TYR A 147 -0.73 5.99 10.76
CA TYR A 147 0.70 5.93 11.03
C TYR A 147 1.55 6.50 9.90
N ASP A 148 0.92 7.04 8.85
CA ASP A 148 1.63 7.53 7.68
C ASP A 148 1.91 9.02 7.83
N ILE A 149 3.18 9.41 7.64
CA ILE A 149 3.56 10.80 7.83
C ILE A 149 2.95 11.68 6.75
N GLY A 150 2.89 11.18 5.50
CA GLY A 150 2.30 11.96 4.43
C GLY A 150 0.86 12.35 4.71
N VAL A 151 0.12 11.51 5.43
CA VAL A 151 -1.24 11.86 5.83
C VAL A 151 -1.21 13.01 6.84
N ALA A 152 -0.26 12.98 7.77
CA ALA A 152 -0.15 14.03 8.76
C ALA A 152 0.13 15.38 8.11
N GLU A 153 0.93 15.38 7.04
CA GLU A 153 1.20 16.62 6.31
C GLU A 153 -0.03 17.11 5.58
N PHE A 154 -0.89 16.19 5.13
CA PHE A 154 -2.16 16.59 4.53
C PHE A 154 -3.11 17.15 5.58
N LEU A 155 -3.05 16.64 6.82
CA LEU A 155 -3.86 17.15 7.92
C LEU A 155 -3.28 18.42 8.54
N ASP A 156 -2.12 18.88 8.08
CA ASP A 156 -1.46 20.06 8.63
C ASP A 156 -1.26 19.92 10.15
N LEU A 157 -0.82 18.74 10.56
CA LEU A 157 -0.54 18.52 11.98
C LEU A 157 0.69 19.32 12.40
N SER A 158 0.74 19.65 13.69
CA SER A 158 1.71 20.61 14.18
C SER A 158 3.14 20.09 14.10
N TYR A 159 3.35 18.80 14.36
CA TYR A 159 4.72 18.30 14.49
C TYR A 159 5.42 18.09 13.14
N VAL A 160 4.69 18.21 12.03
CA VAL A 160 5.31 18.16 10.71
C VAL A 160 5.36 19.52 10.03
N LYS A 161 4.71 20.54 10.59
CA LYS A 161 4.75 21.89 10.02
C LYS A 161 6.16 22.34 9.65
N PRO A 162 7.15 22.28 10.53
CA PRO A 162 8.49 22.77 10.15
C PRO A 162 9.12 21.98 9.01
N ASN A 163 8.60 20.79 8.70
CA ASN A 163 9.16 19.97 7.64
C ASN A 163 8.55 20.27 6.29
N ILE A 164 7.57 21.17 6.23
CA ILE A 164 6.79 21.38 5.00
C ILE A 164 6.58 22.88 4.78
N LEU A 165 7.27 23.71 5.55
CA LEU A 165 7.11 25.15 5.39
C LEU A 165 7.55 25.57 3.99
N GLY A 166 6.76 26.43 3.36
CA GLY A 166 6.98 26.86 1.99
C GLY A 166 6.18 26.09 0.96
N ASN A 167 5.85 24.82 1.23
CA ASN A 167 5.10 24.01 0.28
C ASN A 167 3.69 24.56 0.07
N SER A 168 3.19 24.35 -1.15
CA SER A 168 1.83 24.75 -1.52
C SER A 168 0.92 23.52 -1.57
N ARG A 169 -0.34 23.73 -1.19
CA ARG A 169 -1.34 22.67 -1.16
C ARG A 169 -2.24 22.83 -2.39
N MET A 170 -2.16 21.87 -3.30
CA MET A 170 -2.93 21.90 -4.53
C MET A 170 -3.93 20.75 -4.58
N LEU A 171 -4.94 20.89 -5.43
CA LEU A 171 -5.98 19.88 -5.54
C LEU A 171 -6.54 19.87 -6.95
N LEU A 172 -7.03 18.69 -7.35
CA LEU A 172 -7.62 18.47 -8.67
C LEU A 172 -8.95 17.77 -8.49
N VAL A 173 -9.94 18.15 -9.29
CA VAL A 173 -11.27 17.55 -9.23
C VAL A 173 -11.54 16.78 -10.52
N LEU A 174 -12.23 15.67 -10.40
CA LEU A 174 -12.48 14.78 -11.52
C LEU A 174 -13.96 14.77 -11.89
N PRO B 10 -16.32 -18.96 -5.85
CA PRO B 10 -16.81 -17.58 -5.76
C PRO B 10 -15.89 -16.60 -6.49
N VAL B 11 -16.43 -15.44 -6.86
CA VAL B 11 -15.64 -14.42 -7.55
C VAL B 11 -14.76 -13.70 -6.54
N VAL B 12 -13.47 -13.57 -6.88
CA VAL B 12 -12.49 -12.84 -6.07
C VAL B 12 -11.99 -11.68 -6.92
N ARG B 13 -12.35 -10.46 -6.53
CA ARG B 13 -11.99 -9.27 -7.29
C ARG B 13 -11.23 -8.31 -6.39
N ARG B 14 -10.56 -7.35 -7.03
CA ARG B 14 -9.86 -6.31 -6.29
C ARG B 14 -10.86 -5.42 -5.55
N ALA B 15 -10.41 -4.88 -4.42
CA ALA B 15 -11.26 -4.05 -3.58
C ALA B 15 -11.44 -2.67 -4.20
N ARG B 16 -12.55 -2.02 -3.84
CA ARG B 16 -12.85 -0.65 -4.27
C ARG B 16 -13.13 0.19 -3.04
N THR B 17 -12.81 1.49 -3.12
CA THR B 17 -13.02 2.37 -1.97
C THR B 17 -14.42 2.21 -1.39
N SER B 18 -15.41 1.94 -2.24
CA SER B 18 -16.77 1.67 -1.75
C SER B 18 -16.82 0.41 -0.89
N ASP B 19 -15.89 -0.53 -1.08
CA ASP B 19 -15.87 -1.76 -0.32
C ASP B 19 -15.32 -1.58 1.10
N VAL B 20 -14.67 -0.46 1.39
CA VAL B 20 -13.99 -0.30 2.67
C VAL B 20 -14.95 -0.41 3.85
N PRO B 21 -16.10 0.26 3.87
CA PRO B 21 -17.02 0.08 5.02
C PRO B 21 -17.35 -1.37 5.30
N ALA B 22 -17.57 -2.17 4.25
CA ALA B 22 -17.82 -3.59 4.43
C ALA B 22 -16.58 -4.31 4.94
N ILE B 23 -15.42 -4.01 4.35
CA ILE B 23 -14.17 -4.63 4.79
C ILE B 23 -13.93 -4.36 6.26
N LYS B 24 -14.23 -3.16 6.67
CA LYS B 24 -14.02 -2.75 8.06
C LYS B 24 -14.86 -3.58 9.00
N GLN B 25 -16.06 -3.92 8.59
CA GLN B 25 -16.97 -4.71 9.41
C GLN B 25 -16.49 -6.14 9.55
N LEU B 26 -15.82 -6.68 8.51
CA LEU B 26 -15.25 -8.02 8.61
C LEU B 26 -14.09 -8.04 9.60
N VAL B 27 -13.19 -7.06 9.50
CA VAL B 27 -12.06 -6.99 10.42
C VAL B 27 -12.54 -6.82 11.85
N ASP B 28 -13.45 -5.88 12.08
CA ASP B 28 -13.97 -5.65 13.42
C ASP B 28 -14.61 -6.92 13.98
N THR B 29 -15.26 -7.71 13.12
CA THR B 29 -15.86 -8.95 13.57
C THR B 29 -14.82 -9.85 14.25
N TYR B 30 -13.63 -9.94 13.68
CA TYR B 30 -12.56 -10.77 14.22
C TYR B 30 -11.59 -9.98 15.08
N ALA B 31 -11.89 -8.73 15.37
CA ALA B 31 -11.39 -7.99 16.56
C ALA B 31 -9.87 -7.96 16.54
N GLY B 32 -9.21 -8.18 17.69
CA GLY B 32 -7.77 -8.02 17.80
C GLY B 32 -7.03 -9.23 18.32
N LYS B 33 -7.75 -10.17 18.95
CA LYS B 33 -7.12 -11.42 19.34
C LYS B 33 -6.73 -12.25 18.13
N ILE B 34 -7.59 -12.30 17.13
CA ILE B 34 -7.40 -13.14 15.95
C ILE B 34 -6.73 -12.31 14.86
N LEU B 35 -7.44 -11.31 14.34
CA LEU B 35 -6.91 -10.46 13.29
C LEU B 35 -6.31 -9.20 13.90
N LEU B 36 -5.29 -8.68 13.24
CA LEU B 36 -4.73 -7.39 13.62
C LEU B 36 -5.68 -6.27 13.21
N GLU B 37 -6.08 -5.46 14.19
CA GLU B 37 -7.07 -4.42 13.94
C GLU B 37 -6.53 -3.39 12.94
N LYS B 38 -7.44 -2.87 12.12
CA LYS B 38 -7.09 -1.90 11.09
C LYS B 38 -8.15 -0.82 11.08
N ASN B 39 -7.77 0.42 11.39
CA ASN B 39 -8.75 1.49 11.47
C ASN B 39 -9.16 1.92 10.07
N LEU B 40 -10.16 2.81 10.03
CA LEU B 40 -10.85 3.10 8.77
C LEU B 40 -9.92 3.74 7.75
N VAL B 41 -9.08 4.67 8.18
CA VAL B 41 -8.20 5.37 7.25
C VAL B 41 -7.17 4.41 6.66
N THR B 42 -6.52 3.61 7.51
CA THR B 42 -5.48 2.72 7.02
C THR B 42 -6.01 1.63 6.10
N LEU B 43 -7.33 1.40 6.07
CA LEU B 43 -7.90 0.52 5.05
C LEU B 43 -8.07 1.24 3.72
N TYR B 44 -8.42 2.52 3.77
CA TYR B 44 -8.50 3.29 2.52
C TYR B 44 -7.13 3.42 1.88
N GLU B 45 -6.07 3.47 2.69
CA GLU B 45 -4.72 3.56 2.14
C GLU B 45 -4.25 2.22 1.57
N ALA B 46 -4.67 1.11 2.18
CA ALA B 46 -4.26 -0.22 1.76
C ALA B 46 -5.19 -0.83 0.72
N VAL B 47 -6.15 -0.06 0.21
CA VAL B 47 -7.15 -0.60 -0.69
C VAL B 47 -6.53 -1.16 -1.97
N GLN B 48 -5.33 -0.71 -2.34
CA GLN B 48 -4.71 -1.13 -3.59
C GLN B 48 -4.04 -2.50 -3.49
N GLU B 49 -3.97 -3.09 -2.30
CA GLU B 49 -3.49 -4.47 -2.15
C GLU B 49 -4.57 -5.40 -1.61
N PHE B 50 -5.80 -4.93 -1.45
CA PHE B 50 -6.88 -5.72 -0.87
C PHE B 50 -7.70 -6.43 -1.95
N TRP B 51 -8.36 -7.50 -1.53
CA TRP B 51 -9.25 -8.28 -2.38
C TRP B 51 -10.47 -8.65 -1.57
N VAL B 52 -11.60 -8.85 -2.26
CA VAL B 52 -12.87 -9.17 -1.61
C VAL B 52 -13.57 -10.26 -2.39
N ALA B 53 -14.31 -11.10 -1.66
CA ALA B 53 -15.15 -12.12 -2.26
C ALA B 53 -16.62 -11.70 -2.21
N GLU B 54 -17.26 -11.64 -3.37
CA GLU B 54 -18.68 -11.32 -3.46
C GLU B 54 -19.54 -12.54 -3.16
N HIS B 55 -20.75 -12.29 -2.70
CA HIS B 55 -21.69 -13.37 -2.39
C HIS B 55 -22.05 -14.10 -3.68
N PRO B 56 -22.04 -15.45 -3.69
CA PRO B 56 -22.25 -16.18 -4.95
C PRO B 56 -23.52 -15.83 -5.71
N ASP B 57 -24.51 -15.25 -5.04
CA ASP B 57 -25.80 -14.96 -5.64
C ASP B 57 -26.10 -13.47 -5.69
N LEU B 58 -25.92 -12.76 -4.59
CA LEU B 58 -26.13 -11.32 -4.56
C LEU B 58 -24.95 -10.60 -5.18
N TYR B 59 -25.24 -9.69 -6.11
CA TYR B 59 -24.18 -8.97 -6.82
C TYR B 59 -23.35 -8.11 -5.89
N GLY B 60 -23.99 -7.22 -5.14
CA GLY B 60 -23.27 -6.19 -4.43
C GLY B 60 -22.52 -6.70 -3.20
N LYS B 61 -23.23 -7.40 -2.31
CA LYS B 61 -22.70 -7.68 -0.99
C LYS B 61 -21.38 -8.45 -1.07
N VAL B 62 -20.45 -8.10 -0.16
CA VAL B 62 -19.19 -8.81 0.00
C VAL B 62 -19.28 -9.61 1.29
N VAL B 63 -18.70 -10.81 1.28
CA VAL B 63 -18.69 -11.67 2.45
C VAL B 63 -17.29 -12.00 2.93
N GLY B 64 -16.25 -11.64 2.19
CA GLY B 64 -14.90 -11.90 2.62
C GLY B 64 -13.93 -10.88 2.06
N CYS B 65 -12.82 -10.70 2.77
CA CYS B 65 -11.76 -9.80 2.35
C CYS B 65 -10.42 -10.46 2.58
N GLY B 66 -9.38 -9.85 2.04
CA GLY B 66 -8.04 -10.39 2.17
C GLY B 66 -7.06 -9.48 1.47
N ALA B 67 -5.80 -9.58 1.90
CA ALA B 67 -4.77 -8.68 1.41
C ALA B 67 -3.42 -9.38 1.40
N LEU B 68 -2.65 -9.14 0.35
CA LEU B 68 -1.26 -9.55 0.28
C LEU B 68 -0.38 -8.36 0.57
N HIS B 69 0.51 -8.49 1.55
CA HIS B 69 1.40 -7.42 1.96
C HIS B 69 2.83 -7.82 1.63
N VAL B 70 3.50 -7.00 0.82
CA VAL B 70 4.90 -7.23 0.52
C VAL B 70 5.75 -6.86 1.72
N LEU B 71 6.76 -7.67 1.99
CA LEU B 71 7.68 -7.43 3.11
C LEU B 71 9.11 -7.20 2.66
N TRP B 72 9.50 -7.65 1.47
CA TRP B 72 10.86 -7.50 0.98
C TRP B 72 10.90 -7.96 -0.47
N SER B 73 12.08 -7.81 -1.09
CA SER B 73 12.30 -8.28 -2.45
C SER B 73 11.58 -9.59 -2.75
N ASP B 74 11.83 -10.61 -1.92
CA ASP B 74 11.36 -11.96 -2.20
C ASP B 74 10.20 -12.39 -1.32
N LEU B 75 9.86 -11.63 -0.28
CA LEU B 75 8.94 -12.08 0.75
C LEU B 75 7.62 -11.31 0.69
N GLY B 76 6.51 -12.05 0.82
CA GLY B 76 5.20 -11.45 0.98
C GLY B 76 4.50 -12.05 2.19
N GLU B 77 3.38 -11.42 2.55
CA GLU B 77 2.57 -11.90 3.66
C GLU B 77 1.10 -11.89 3.27
N ILE B 78 0.35 -12.82 3.84
CA ILE B 78 -1.11 -12.84 3.75
C ILE B 78 -1.64 -12.37 5.10
N ARG B 79 -2.47 -11.32 5.06
CA ARG B 79 -2.94 -10.67 6.27
C ARG B 79 -4.39 -10.27 6.10
N THR B 80 -5.04 -9.98 7.23
CA THR B 80 -6.42 -9.50 7.25
C THR B 80 -7.32 -10.32 6.33
N VAL B 81 -7.34 -11.63 6.60
CA VAL B 81 -8.26 -12.54 5.94
C VAL B 81 -9.46 -12.75 6.85
N ALA B 82 -10.64 -12.35 6.40
CA ALA B 82 -11.85 -12.46 7.20
C ALA B 82 -13.01 -12.87 6.31
N VAL B 83 -13.85 -13.77 6.84
CA VAL B 83 -15.07 -14.20 6.19
C VAL B 83 -16.20 -14.01 7.18
N ASP B 84 -17.40 -13.74 6.66
CA ASP B 84 -18.56 -13.62 7.51
C ASP B 84 -18.70 -14.88 8.36
N PRO B 85 -18.88 -14.76 9.70
CA PRO B 85 -19.02 -15.98 10.51
C PRO B 85 -20.05 -16.96 9.99
N ALA B 86 -21.13 -16.46 9.37
CA ALA B 86 -22.17 -17.33 8.85
C ALA B 86 -21.87 -17.92 7.48
N MET B 87 -20.76 -17.53 6.85
CA MET B 87 -20.43 -18.00 5.51
C MET B 87 -19.18 -18.87 5.46
N THR B 88 -18.59 -19.19 6.62
CA THR B 88 -17.39 -20.01 6.62
C THR B 88 -17.75 -21.46 6.28
N GLY B 89 -16.76 -22.19 5.76
CA GLY B 89 -16.98 -23.55 5.32
C GLY B 89 -17.62 -23.68 3.96
N HIS B 90 -17.72 -22.60 3.19
CA HIS B 90 -18.22 -22.65 1.83
C HIS B 90 -17.12 -22.38 0.80
N GLY B 91 -15.85 -22.49 1.21
CA GLY B 91 -14.75 -22.34 0.29
C GLY B 91 -14.35 -20.91 0.01
N ILE B 92 -15.03 -19.93 0.63
CA ILE B 92 -14.72 -18.53 0.36
C ILE B 92 -13.29 -18.21 0.77
N GLY B 93 -12.97 -18.44 2.05
CA GLY B 93 -11.63 -18.13 2.53
C GLY B 93 -10.55 -18.74 1.67
N HIS B 94 -10.79 -19.95 1.17
CA HIS B 94 -9.81 -20.61 0.32
C HIS B 94 -9.75 -19.95 -1.06
N ALA B 95 -10.89 -19.50 -1.57
CA ALA B 95 -10.90 -18.78 -2.85
C ALA B 95 -10.13 -17.47 -2.75
N ILE B 96 -10.16 -16.82 -1.59
CA ILE B 96 -9.39 -15.58 -1.41
C ILE B 96 -7.90 -15.87 -1.40
N VAL B 97 -7.49 -16.88 -0.63
CA VAL B 97 -6.07 -17.21 -0.53
C VAL B 97 -5.53 -17.64 -1.88
N ASP B 98 -6.31 -18.42 -2.64
CA ASP B 98 -5.87 -18.86 -3.95
C ASP B 98 -5.52 -17.68 -4.85
N ARG B 99 -6.33 -16.61 -4.82
CA ARG B 99 -6.03 -15.46 -5.65
C ARG B 99 -4.89 -14.64 -5.05
N LEU B 100 -4.93 -14.39 -3.75
CA LEU B 100 -3.84 -13.67 -3.10
C LEU B 100 -2.49 -14.29 -3.44
N LEU B 101 -2.41 -15.62 -3.43
CA LEU B 101 -1.17 -16.29 -3.79
C LEU B 101 -0.83 -16.11 -5.25
N GLN B 102 -1.84 -16.01 -6.13
CA GLN B 102 -1.56 -15.78 -7.53
C GLN B 102 -0.96 -14.40 -7.76
N VAL B 103 -1.41 -13.40 -7.00
CA VAL B 103 -0.83 -12.07 -7.16
C VAL B 103 0.57 -12.05 -6.58
N ALA B 104 0.82 -12.87 -5.55
CA ALA B 104 2.18 -13.06 -5.06
C ALA B 104 3.08 -13.56 -6.17
N ARG B 105 2.57 -14.48 -7.00
CA ARG B 105 3.33 -14.92 -8.16
C ARG B 105 3.53 -13.79 -9.15
N ASP B 106 2.45 -13.07 -9.47
CA ASP B 106 2.56 -11.93 -10.36
C ASP B 106 3.60 -10.93 -9.88
N LEU B 107 3.78 -10.84 -8.56
CA LEU B 107 4.81 -9.98 -7.97
C LEU B 107 6.18 -10.63 -7.95
N GLN B 108 6.33 -11.83 -8.50
CA GLN B 108 7.63 -12.52 -8.54
C GLN B 108 8.16 -12.76 -7.13
N LEU B 109 7.26 -13.08 -6.20
CA LEU B 109 7.68 -13.44 -4.86
C LEU B 109 8.04 -14.92 -4.79
N GLN B 110 8.84 -15.27 -3.78
CA GLN B 110 9.31 -16.63 -3.58
C GLN B 110 8.77 -17.27 -2.31
N ARG B 111 8.55 -16.50 -1.26
CA ARG B 111 8.06 -17.01 0.01
C ARG B 111 6.87 -16.18 0.45
N VAL B 112 5.88 -16.84 1.07
CA VAL B 112 4.69 -16.17 1.59
C VAL B 112 4.52 -16.56 3.04
N PHE B 113 4.45 -15.56 3.91
CA PHE B 113 4.35 -15.76 5.35
C PHE B 113 2.93 -15.59 5.85
N VAL B 114 2.62 -16.27 6.94
CA VAL B 114 1.33 -16.14 7.63
C VAL B 114 1.56 -16.34 9.11
N LEU B 115 0.91 -15.50 9.93
CA LEU B 115 0.88 -15.65 11.38
C LEU B 115 -0.57 -15.78 11.79
N THR B 116 -0.96 -16.97 12.22
CA THR B 116 -2.38 -17.27 12.41
C THR B 116 -2.53 -18.41 13.41
N PHE B 117 -3.78 -18.57 13.88
CA PHE B 117 -4.20 -19.76 14.61
C PHE B 117 -4.78 -20.82 13.68
N GLU B 118 -5.10 -20.47 12.43
CA GLU B 118 -5.77 -21.38 11.51
C GLU B 118 -4.74 -22.23 10.77
N THR B 119 -4.08 -23.10 11.55
CA THR B 119 -3.03 -23.94 10.99
C THR B 119 -3.59 -24.89 9.94
N GLU B 120 -4.72 -25.53 10.24
CA GLU B 120 -5.31 -26.48 9.29
C GLU B 120 -5.75 -25.79 8.02
N PHE B 121 -6.32 -24.59 8.14
CA PHE B 121 -6.85 -23.88 6.98
C PHE B 121 -5.77 -23.62 5.94
N PHE B 122 -4.68 -22.94 6.35
CA PHE B 122 -3.62 -22.60 5.41
C PHE B 122 -2.79 -23.81 5.01
N ALA B 123 -2.81 -24.88 5.79
CA ALA B 123 -2.03 -26.06 5.44
C ALA B 123 -2.43 -26.62 4.09
N ARG B 124 -3.71 -26.52 3.72
CA ARG B 124 -4.20 -27.06 2.46
C ARG B 124 -3.64 -26.33 1.24
N HIS B 125 -2.90 -25.24 1.42
CA HIS B 125 -2.28 -24.52 0.31
C HIS B 125 -0.79 -24.79 0.23
N GLY B 126 -0.26 -25.68 1.06
CA GLY B 126 1.16 -25.97 1.09
C GLY B 126 1.90 -25.29 2.20
N PHE B 127 1.23 -24.50 3.03
CA PHE B 127 1.89 -23.83 4.14
C PHE B 127 2.33 -24.85 5.18
N THR B 128 3.57 -24.72 5.63
CA THR B 128 4.09 -25.54 6.71
C THR B 128 4.45 -24.66 7.89
N GLU B 129 4.19 -25.15 9.09
CA GLU B 129 4.51 -24.37 10.28
C GLU B 129 6.03 -24.29 10.46
N ILE B 130 6.49 -23.17 10.99
CA ILE B 130 7.92 -22.89 11.12
C ILE B 130 8.17 -22.20 12.46
N GLU B 131 9.45 -21.97 12.74
CA GLU B 131 9.89 -21.22 13.91
C GLU B 131 10.84 -20.11 13.47
N GLY B 132 10.74 -18.96 14.13
CA GLY B 132 11.66 -17.87 13.89
C GLY B 132 11.27 -17.01 12.69
N THR B 133 12.16 -16.08 12.38
CA THR B 133 11.97 -15.15 11.27
C THR B 133 12.96 -15.49 10.17
N PRO B 134 12.52 -16.01 9.01
CA PRO B 134 13.50 -16.43 7.99
C PRO B 134 13.99 -15.29 7.10
N VAL B 135 14.86 -14.46 7.67
CA VAL B 135 15.51 -13.39 6.91
C VAL B 135 16.91 -13.18 7.47
N THR B 136 17.80 -12.66 6.62
CA THR B 136 19.14 -12.32 7.06
C THR B 136 19.10 -11.17 8.05
N ALA B 137 20.03 -11.19 9.00
CA ALA B 137 20.10 -10.13 10.01
C ALA B 137 20.22 -8.76 9.35
N GLU B 138 20.94 -8.67 8.22
CA GLU B 138 21.01 -7.41 7.49
C GLU B 138 19.64 -6.99 7.01
N VAL B 139 18.86 -7.94 6.48
CA VAL B 139 17.49 -7.65 6.09
C VAL B 139 16.63 -7.37 7.32
N PHE B 140 16.77 -8.19 8.36
CA PHE B 140 16.06 -7.95 9.62
C PHE B 140 16.26 -6.52 10.10
N ASP B 141 17.48 -6.00 9.96
CA ASP B 141 17.77 -4.65 10.44
C ASP B 141 17.04 -3.60 9.61
N GLU B 142 16.92 -3.83 8.29
CA GLU B 142 16.18 -2.91 7.45
C GLU B 142 14.69 -2.91 7.78
N MET B 143 14.13 -4.07 8.15
CA MET B 143 12.70 -4.14 8.43
C MET B 143 12.34 -3.60 9.80
N CYS B 144 13.27 -3.59 10.75
CA CYS B 144 13.01 -2.94 12.03
C CYS B 144 12.59 -1.49 11.85
N ARG B 145 12.93 -0.89 10.71
CA ARG B 145 12.66 0.52 10.43
C ARG B 145 11.22 0.76 9.96
N SER B 146 10.37 -0.26 9.97
CA SER B 146 9.04 -0.14 9.44
C SER B 146 8.09 0.47 10.46
N TYR B 147 7.11 1.22 9.97
CA TYR B 147 6.03 1.74 10.79
C TYR B 147 4.84 0.80 10.83
N ASP B 148 4.91 -0.35 10.17
CA ASP B 148 3.79 -1.26 10.05
C ASP B 148 3.86 -2.32 11.15
N ILE B 149 2.75 -2.48 11.87
CA ILE B 149 2.72 -3.41 13.00
C ILE B 149 2.79 -4.85 12.53
N GLY B 150 2.13 -5.16 11.41
CA GLY B 150 2.18 -6.52 10.89
C GLY B 150 3.59 -6.97 10.60
N VAL B 151 4.47 -6.05 10.21
CA VAL B 151 5.87 -6.38 10.02
C VAL B 151 6.53 -6.73 11.35
N ALA B 152 6.21 -5.97 12.39
CA ALA B 152 6.79 -6.24 13.71
C ALA B 152 6.35 -7.60 14.23
N GLU B 153 5.11 -7.99 13.96
CA GLU B 153 4.65 -9.32 14.37
C GLU B 153 5.37 -10.41 13.60
N PHE B 154 5.75 -10.13 12.35
CA PHE B 154 6.57 -11.07 11.59
C PHE B 154 7.98 -11.14 12.14
N LEU B 155 8.52 -10.02 12.60
CA LEU B 155 9.86 -10.00 13.17
C LEU B 155 9.87 -10.45 14.63
N ASP B 156 8.70 -10.70 15.22
CA ASP B 156 8.62 -11.06 16.64
C ASP B 156 9.33 -10.03 17.50
N LEU B 157 9.13 -8.76 17.18
CA LEU B 157 9.71 -7.70 18.00
C LEU B 157 9.08 -7.70 19.38
N SER B 158 9.84 -7.16 20.35
CA SER B 158 9.49 -7.36 21.74
C SER B 158 8.15 -6.69 22.09
N TYR B 159 7.89 -5.52 21.51
CA TYR B 159 6.72 -4.74 21.92
C TYR B 159 5.41 -5.25 21.32
N VAL B 160 5.45 -6.21 20.39
CA VAL B 160 4.24 -6.86 19.90
C VAL B 160 4.10 -8.29 20.39
N LYS B 161 5.14 -8.86 21.01
CA LYS B 161 5.08 -10.23 21.51
C LYS B 161 3.80 -10.55 22.28
N PRO B 162 3.37 -9.75 23.26
CA PRO B 162 2.18 -10.13 24.03
C PRO B 162 0.91 -10.24 23.19
N ASN B 163 0.90 -9.67 22.00
CA ASN B 163 -0.28 -9.68 21.15
C ASN B 163 -0.36 -10.88 20.21
N ILE B 164 0.63 -11.75 20.19
CA ILE B 164 0.68 -12.79 19.16
C ILE B 164 1.05 -14.17 19.72
N LEU B 165 1.16 -14.29 21.04
CA LEU B 165 1.44 -15.60 21.61
C LEU B 165 0.26 -16.53 21.36
N GLY B 166 0.58 -17.78 21.02
CA GLY B 166 -0.41 -18.77 20.63
C GLY B 166 -0.52 -18.90 19.13
N ASN B 167 -0.27 -17.82 18.39
CA ASN B 167 -0.31 -17.88 16.93
C ASN B 167 0.82 -18.76 16.42
N SER B 168 0.57 -19.41 15.29
CA SER B 168 1.57 -20.24 14.63
C SER B 168 2.13 -19.51 13.42
N ARG B 169 3.42 -19.70 13.17
CA ARG B 169 4.11 -19.06 12.06
C ARG B 169 4.25 -20.10 10.95
N MET B 170 3.56 -19.85 9.84
CA MET B 170 3.58 -20.75 8.70
C MET B 170 4.21 -20.04 7.52
N LEU B 171 4.66 -20.83 6.55
CA LEU B 171 5.34 -20.26 5.39
C LEU B 171 5.09 -21.16 4.18
N LEU B 172 5.09 -20.54 3.01
CA LEU B 172 4.84 -21.23 1.75
C LEU B 172 5.93 -20.84 0.77
N VAL B 173 6.37 -21.81 -0.02
CA VAL B 173 7.38 -21.60 -1.06
C VAL B 173 6.71 -21.85 -2.40
N LEU B 174 7.14 -21.09 -3.41
CA LEU B 174 6.51 -21.11 -4.71
C LEU B 174 7.40 -21.80 -5.74
N LEU B 175 6.76 -22.34 -6.77
CA LEU B 175 7.44 -23.08 -7.83
C LEU B 175 8.63 -22.30 -8.38
N ARG C . 4.42 15.61 -1.17
CA ARG C . 5.80 15.35 -0.81
C ARG C . 6.09 13.85 -0.86
O ARG C . 7.20 13.40 -0.58
CB ARG C . 6.09 15.89 0.60
CG ARG C . 6.03 17.40 0.67
CD ARG C . 6.54 17.95 2.00
NE ARG C . 7.98 17.72 2.20
CZ ARG C . 8.51 16.86 3.07
NH1 ARG C . 7.74 16.12 3.86
NH2 ARG C . 9.82 16.75 3.15
OXT ARG C . 5.22 13.05 -1.19
HA ARG C . 6.39 15.79 -1.43
HB2 ARG C . 5.43 15.54 1.22
HB3 ARG C . 6.98 15.62 0.86
HG2 ARG C . 6.58 17.79 -0.03
HG3 ARG C . 5.11 17.70 0.56
HD2 ARG C . 6.38 18.90 2.03
HD3 ARG C . 6.06 17.50 2.72
HE ARG C . 8.52 18.18 1.72
HH11 ARG C . 6.88 16.19 3.81
HH12 ARG C . 8.10 15.57 4.42
HH21 ARG C . 10.33 17.22 2.65
HH22 ARG C . 10.17 16.19 3.72
N1A ACO D . 8.46 17.30 -23.26
C2A ACO D . 7.42 17.43 -22.39
N3A ACO D . 7.37 18.50 -21.57
C4A ACO D . 8.36 19.42 -21.60
C5A ACO D . 9.39 19.30 -22.45
C6A ACO D . 9.42 18.20 -23.30
N6A ACO D . 10.39 17.78 -24.32
N7A ACO D . 10.20 20.35 -22.26
C8A ACO D . 9.69 21.12 -21.31
N9A ACO D . 8.54 20.55 -20.89
C1B ACO D . 8.23 21.46 -19.99
C2B ACO D . 6.97 20.94 -19.26
O2B ACO D . 5.76 21.42 -19.94
C3B ACO D . 7.07 21.41 -18.01
O3B ACO D . 6.46 22.70 -17.91
P3B ACO D . 5.45 22.95 -16.62
O7A ACO D . 4.84 24.33 -16.72
O8A ACO D . 4.35 21.91 -16.65
O9A ACO D . 6.24 22.82 -15.34
C4B ACO D . 8.67 21.49 -17.70
O4B ACO D . 9.31 21.63 -18.85
C5B ACO D . 9.09 20.20 -17.05
O5B ACO D . 8.85 19.19 -17.98
P1A ACO D . 9.22 17.61 -17.58
O1A ACO D . 9.97 16.99 -18.71
O2A ACO D . 7.96 16.86 -17.31
O3A ACO D . 10.19 17.56 -16.26
P2A ACO D . 10.34 16.08 -15.52
O4A ACO D . 11.51 15.31 -16.12
O5A ACO D . 9.07 15.32 -15.74
O6A ACO D . 10.58 16.35 -13.85
CBP ACO D . 9.86 16.20 -11.58
CCP ACO D . 9.45 16.62 -13.02
CDP ACO D . 10.01 14.68 -11.56
CEP ACO D . 8.78 16.63 -10.57
CAP ACO D . 11.23 16.91 -11.29
OAP ACO D . 11.08 18.27 -11.49
C9P ACO D . 11.70 16.67 -9.86
O9P ACO D . 12.08 15.59 -9.52
N8P ACO D . 11.70 17.79 -8.91
C7P ACO D . 12.14 17.55 -7.53
C6P ACO D . 11.14 16.54 -6.90
C5P ACO D . 9.76 17.23 -7.13
O5P ACO D . 9.73 18.34 -7.51
N4P ACO D . 8.50 16.50 -6.91
C3P ACO D . 7.22 17.24 -7.18
C2P ACO D . 6.07 16.30 -6.83
S1P ACO D . 5.51 16.70 -5.13
C ACO D . 4.72 15.15 -4.57
O ACO D . 3.53 15.04 -4.54
CH3 ACO D . 5.65 14.00 -4.21
H2A ACO D . 6.74 16.80 -22.38
H61A ACO D . 10.25 17.06 -24.77
H62A ACO D . 11.10 18.25 -24.46
H8A ACO D . 10.05 21.92 -20.98
H1B ACO D . 8.04 22.31 -20.41
H2B ACO D . 6.99 19.97 -19.24
HO2A ACO D . 5.49 20.83 -20.50
H3B ACO D . 6.66 20.78 -17.40
H4B ACO D . 8.87 22.25 -17.12
H51A ACO D . 10.03 20.22 -16.82
H52A ACO D . 8.56 20.04 -16.25
H121 ACO D . 9.21 17.56 -13.04
H122 ACO D . 8.69 16.09 -13.31
H131 ACO D . 10.32 14.38 -12.43
H132 ACO D . 9.16 14.27 -11.38
H133 ACO D . 10.65 14.43 -10.88
H141 ACO D . 8.71 17.60 -10.55
H142 ACO D . 9.01 16.31 -9.68
H143 ACO D . 7.92 16.25 -10.83
H10 ACO D . 11.90 16.57 -11.90
HO1 ACO D . 11.17 18.44 -12.32
HN8 ACO D . 11.43 18.56 -9.15
H71 ACO D . 13.04 17.17 -7.52
H72 ACO D . 12.13 18.38 -7.02
H61 ACO D . 11.18 15.71 -7.40
H62 ACO D . 11.29 16.38 -5.96
HN4 ACO D . 8.49 15.69 -6.65
H31 ACO D . 7.18 18.04 -6.62
H32 ACO D . 7.18 17.48 -8.11
H21 ACO D . 5.34 16.42 -7.45
H22 ACO D . 6.39 15.37 -6.85
HH31 ACO D . 6.24 14.28 -3.49
HH32 ACO D . 6.19 13.76 -4.98
HH33 ACO D . 5.13 13.23 -3.94
N ARG E . -1.11 -11.69 10.98
CA ARG E . -2.49 -11.80 11.43
C ARG E . -3.42 -10.96 10.55
O ARG E . -3.42 -11.09 9.34
CB ARG E . -2.63 -11.38 12.89
CG ARG E . -1.92 -12.28 13.88
CD ARG E . -2.31 -11.93 15.29
NE ARG E . -2.11 -10.52 15.58
CZ ARG E . -2.81 -9.81 16.46
NH1 ARG E . -3.80 -10.38 17.14
NH2 ARG E . -2.54 -8.53 16.64
OXT ARG E . -4.18 -10.15 11.05
HA ARG E . -2.78 -12.73 11.36
HB2 ARG E . -2.25 -10.48 12.98
HB3 ARG E . -3.57 -11.36 13.12
HG2 ARG E . -2.17 -13.21 13.71
HG3 ARG E . -0.96 -12.17 13.79
HD2 ARG E . -3.25 -12.12 15.42
HD3 ARG E . -1.77 -12.45 15.91
HE ARG E . -1.49 -10.10 15.15
HH11 ARG E . -3.98 -11.20 17.03
HH12 ARG E . -4.25 -9.91 17.71
HH21 ARG E . -1.91 -8.15 16.20
HH22 ARG E . -3.01 -8.06 17.21
#